data_9JJU
#
_entry.id   9JJU
#
_cell.length_a   243.489
_cell.length_b   39.766
_cell.length_c   48.773
_cell.angle_alpha   90.00
_cell.angle_beta   100.03
_cell.angle_gamma   90.00
#
_symmetry.space_group_name_H-M   'C 1 2 1'
#
loop_
_entity.id
_entity.type
_entity.pdbx_description
1 polymer 'LOC432253 protein'
2 water water
#
_entity_poly.entity_id   1
_entity_poly.type   'polypeptide(L)'
_entity_poly.pdbx_seq_one_letter_code
;AEPDHPIQLVWTDVNGRLSLDLSGAHDCFLNTRYSNYPVFILCIIGEKRRGKSFLMNYIMRALRSMEMDEEISLGADDEP
LKGFKWSPGTETTTKGIWMWNRPFLLNHKGGKIAVFLLDTEGSLDIESDRETCIKLSALSLFISSHLIFNVASNLKETEL
DYMEMYMNMGEECGPKNLQHLDILVRDWYHSKKWDRDVARSYISREIEKLEKLNSYPKVLWSLKSNQTRCFLLPHPGKGI
TGESEGRLQDMDEDFQESLRSYVSKVVKGICTHIKTNIDGELLTSAHVFSMLQEFTEVLNLQIYGFSSPMEMFYAIKNQK
LMGEIENEFQDFLKNQSSLTLPPTMRVKVSQKFSELLEKFMQFVQGSNTSSHDAMLKDLEVRLLEIQEKFCNDFTTRFT
;
_entity_poly.pdbx_strand_id   A
#
# COMPACT_ATOMS: atom_id res chain seq x y z
N GLU A 2 -5.90 -18.95 -24.08
CA GLU A 2 -6.73 -19.44 -22.98
C GLU A 2 -7.85 -18.45 -22.68
N PRO A 3 -9.01 -18.96 -22.22
CA PRO A 3 -10.09 -18.05 -21.81
C PRO A 3 -9.72 -17.29 -20.55
N ASP A 4 -10.13 -16.04 -20.51
CA ASP A 4 -9.66 -15.14 -19.47
C ASP A 4 -10.28 -15.51 -18.12
N HIS A 5 -9.48 -15.38 -17.08
CA HIS A 5 -9.69 -16.10 -15.82
C HIS A 5 -8.97 -15.34 -14.72
N PRO A 6 -9.29 -15.61 -13.46
CA PRO A 6 -8.50 -14.99 -12.37
C PRO A 6 -7.16 -15.68 -12.19
N ILE A 7 -6.14 -14.89 -11.87
CA ILE A 7 -4.78 -15.38 -11.66
C ILE A 7 -4.33 -14.94 -10.26
N GLN A 8 -3.69 -15.86 -9.53
CA GLN A 8 -3.14 -15.53 -8.23
C GLN A 8 -1.78 -14.85 -8.41
N LEU A 9 -1.72 -13.55 -8.14
CA LEU A 9 -0.48 -12.80 -8.33
C LEU A 9 0.51 -13.02 -7.20
N VAL A 10 0.04 -12.92 -5.96
CA VAL A 10 0.90 -12.97 -4.78
C VAL A 10 0.27 -13.90 -3.77
N TRP A 11 1.12 -14.68 -3.09
CA TRP A 11 0.71 -15.44 -1.93
C TRP A 11 1.85 -15.40 -0.92
N THR A 12 1.64 -16.04 0.22
CA THR A 12 2.64 -16.18 1.27
C THR A 12 3.14 -17.62 1.29
N ASP A 13 4.45 -17.80 1.38
CA ASP A 13 5.00 -19.14 1.52
C ASP A 13 5.06 -19.53 3.00
N VAL A 14 5.52 -20.76 3.26
CA VAL A 14 5.55 -21.33 4.62
C VAL A 14 6.37 -20.45 5.57
N ASN A 15 7.30 -19.66 5.03
CA ASN A 15 8.17 -18.79 5.84
C ASN A 15 7.64 -17.38 6.01
N GLY A 16 6.42 -17.08 5.58
CA GLY A 16 5.89 -15.74 5.63
C GLY A 16 6.41 -14.81 4.57
N ARG A 17 7.24 -15.31 3.66
CA ARG A 17 7.75 -14.48 2.57
C ARG A 17 6.69 -14.30 1.49
N LEU A 18 6.68 -13.13 0.86
CA LEU A 18 5.74 -12.86 -0.23
C LEU A 18 6.34 -13.39 -1.53
N SER A 19 5.56 -14.17 -2.26
CA SER A 19 6.00 -14.79 -3.51
C SER A 19 5.17 -14.25 -4.67
N LEU A 20 5.86 -13.84 -5.74
CA LEU A 20 5.26 -13.17 -6.88
C LEU A 20 5.29 -14.10 -8.09
N ASP A 21 4.15 -14.28 -8.75
CA ASP A 21 4.12 -14.91 -10.06
C ASP A 21 4.67 -13.93 -11.10
N LEU A 22 6.00 -13.94 -11.28
CA LEU A 22 6.62 -12.96 -12.18
C LEU A 22 6.19 -13.16 -13.63
N SER A 23 6.26 -14.40 -14.13
CA SER A 23 5.87 -14.66 -15.52
C SER A 23 4.38 -14.38 -15.73
N GLY A 24 3.55 -14.70 -14.74
CA GLY A 24 2.13 -14.41 -14.85
C GLY A 24 1.85 -12.93 -14.84
N ALA A 25 2.49 -12.19 -13.92
CA ALA A 25 2.30 -10.75 -13.87
C ALA A 25 2.83 -10.06 -15.11
N HIS A 26 3.93 -10.57 -15.66
CA HIS A 26 4.46 -10.08 -16.93
C HIS A 26 3.40 -10.15 -18.03
N ASP A 27 2.77 -11.32 -18.18
CA ASP A 27 1.77 -11.49 -19.24
C ASP A 27 0.65 -10.46 -19.11
N CYS A 28 0.19 -10.21 -17.88
CA CYS A 28 -0.92 -9.27 -17.71
C CYS A 28 -0.49 -7.83 -17.93
N PHE A 29 0.67 -7.43 -17.39
CA PHE A 29 0.97 -6.02 -17.28
C PHE A 29 1.83 -5.49 -18.42
N LEU A 30 2.68 -6.32 -19.01
CA LEU A 30 3.58 -5.89 -20.08
C LEU A 30 3.08 -6.31 -21.45
N ASN A 31 1.79 -6.56 -21.57
CA ASN A 31 1.19 -6.80 -22.88
C ASN A 31 1.38 -5.58 -23.77
N THR A 32 1.90 -5.80 -24.97
CA THR A 32 2.23 -4.69 -25.89
C THR A 32 1.00 -3.97 -26.43
N ARG A 33 -0.20 -4.43 -26.11
CA ARG A 33 -1.41 -3.75 -26.58
C ARG A 33 -1.72 -2.53 -25.71
N TYR A 34 -1.59 -2.67 -24.40
CA TYR A 34 -2.09 -1.66 -23.48
C TYR A 34 -1.08 -1.21 -22.42
N SER A 35 0.16 -1.72 -22.47
CA SER A 35 1.08 -1.50 -21.36
C SER A 35 1.41 -0.03 -21.15
N ASN A 36 1.28 0.80 -22.19
CA ASN A 36 1.47 2.23 -22.02
C ASN A 36 0.16 3.01 -22.00
N TYR A 37 -0.98 2.32 -21.94
CA TYR A 37 -2.22 3.00 -21.64
C TYR A 37 -2.25 3.39 -20.17
N PRO A 38 -2.84 4.54 -19.85
CA PRO A 38 -3.12 4.85 -18.44
C PRO A 38 -3.90 3.72 -17.80
N VAL A 39 -3.50 3.36 -16.58
CA VAL A 39 -4.00 2.17 -15.93
C VAL A 39 -4.84 2.58 -14.74
N PHE A 40 -5.77 1.70 -14.39
CA PHE A 40 -6.61 1.87 -13.22
C PHE A 40 -6.74 0.51 -12.55
N ILE A 41 -6.35 0.47 -11.27
CA ILE A 41 -6.32 -0.75 -10.46
C ILE A 41 -7.43 -0.63 -9.41
N LEU A 42 -8.55 -1.29 -9.67
CA LEU A 42 -9.66 -1.38 -8.72
C LEU A 42 -9.42 -2.58 -7.82
N CYS A 43 -9.39 -2.37 -6.49
CA CYS A 43 -9.09 -3.47 -5.58
C CYS A 43 -10.18 -3.63 -4.53
N ILE A 44 -10.59 -4.86 -4.31
CA ILE A 44 -11.62 -5.19 -3.32
C ILE A 44 -10.92 -5.90 -2.17
N ILE A 45 -11.26 -5.50 -0.93
CA ILE A 45 -10.62 -6.05 0.26
C ILE A 45 -11.66 -6.19 1.38
N GLY A 46 -11.37 -7.10 2.30
CA GLY A 46 -12.21 -7.33 3.45
C GLY A 46 -13.28 -8.34 3.13
N GLU A 47 -14.07 -8.66 4.15
CA GLU A 47 -15.26 -9.48 3.96
C GLU A 47 -16.05 -9.54 5.27
N LYS A 52 -16.74 -9.51 -2.93
CA LYS A 52 -17.64 -10.66 -2.98
C LYS A 52 -17.91 -11.11 -4.43
N SER A 53 -18.52 -12.28 -4.60
CA SER A 53 -18.75 -12.82 -5.94
C SER A 53 -19.77 -11.98 -6.71
N PHE A 54 -20.89 -11.64 -6.08
CA PHE A 54 -21.87 -10.75 -6.72
C PHE A 54 -21.24 -9.42 -7.12
N LEU A 55 -20.60 -8.75 -6.16
CA LEU A 55 -19.98 -7.45 -6.41
C LEU A 55 -18.97 -7.54 -7.55
N MET A 56 -18.12 -8.56 -7.50
CA MET A 56 -17.07 -8.71 -8.50
C MET A 56 -17.66 -8.96 -9.87
N ASN A 57 -18.64 -9.88 -9.97
CA ASN A 57 -19.22 -10.19 -11.26
C ASN A 57 -19.98 -9.01 -11.84
N TYR A 58 -20.71 -8.27 -11.01
CA TYR A 58 -21.37 -7.07 -11.53
C TYR A 58 -20.36 -6.06 -12.06
N ILE A 59 -19.22 -5.92 -11.38
CA ILE A 59 -18.20 -4.96 -11.82
C ILE A 59 -17.65 -5.34 -13.18
N MET A 60 -17.38 -6.63 -13.37
CA MET A 60 -16.93 -7.10 -14.68
C MET A 60 -18.01 -6.90 -15.75
N ARG A 61 -19.28 -7.23 -15.44
CA ARG A 61 -20.34 -7.06 -16.43
C ARG A 61 -20.52 -5.60 -16.80
N ALA A 62 -20.42 -4.70 -15.83
CA ALA A 62 -20.50 -3.27 -16.12
C ALA A 62 -19.30 -2.79 -16.91
N LEU A 63 -18.10 -3.28 -16.56
CA LEU A 63 -16.90 -2.90 -17.30
C LEU A 63 -16.93 -3.42 -18.73
N ARG A 64 -17.45 -4.64 -18.92
CA ARG A 64 -17.43 -5.20 -20.27
C ARG A 64 -18.44 -4.50 -21.18
N SER A 65 -19.48 -3.91 -20.60
CA SER A 65 -20.43 -3.14 -21.37
C SER A 65 -19.82 -1.81 -21.83
N MET A 66 -19.23 -1.06 -20.89
CA MET A 66 -18.56 0.18 -21.29
C MET A 66 -17.41 -0.06 -22.25
N GLU A 67 -16.75 -1.22 -22.13
CA GLU A 67 -15.68 -1.56 -23.06
C GLU A 67 -16.20 -1.71 -24.49
N MET A 68 -17.31 -2.41 -24.67
CA MET A 68 -17.92 -2.55 -25.98
C MET A 68 -18.80 -1.36 -26.35
N ASP A 69 -18.61 -0.21 -25.67
CA ASP A 69 -19.33 1.03 -26.01
C ASP A 69 -20.84 0.87 -25.85
N GLU A 70 -21.27 -0.04 -24.98
CA GLU A 70 -22.66 -0.25 -24.64
C GLU A 70 -23.02 0.47 -23.35
N GLU A 71 -24.25 0.28 -22.88
CA GLU A 71 -24.75 0.91 -21.67
C GLU A 71 -24.85 -0.11 -20.53
N ILE A 72 -24.49 0.33 -19.32
CA ILE A 72 -24.55 -0.55 -18.15
C ILE A 72 -25.99 -0.95 -17.90
N SER A 73 -26.19 -2.19 -17.44
CA SER A 73 -27.53 -2.74 -17.27
C SER A 73 -28.37 -1.92 -16.28
N PHE A 84 -17.00 -16.45 -17.78
CA PHE A 84 -16.80 -15.03 -17.48
C PHE A 84 -17.33 -14.63 -16.11
N LYS A 85 -17.04 -15.46 -15.12
CA LYS A 85 -17.44 -15.26 -13.73
C LYS A 85 -16.22 -15.42 -12.82
N TRP A 86 -16.40 -15.06 -11.55
CA TRP A 86 -15.33 -15.06 -10.56
C TRP A 86 -15.66 -16.06 -9.45
N SER A 87 -15.21 -17.31 -9.64
CA SER A 87 -15.18 -18.36 -8.61
C SER A 87 -16.25 -18.26 -7.52
N THR A 94 -8.68 -19.59 -0.85
CA THR A 94 -8.12 -18.42 -1.52
C THR A 94 -7.61 -17.41 -0.50
N LYS A 95 -6.29 -17.40 -0.24
CA LYS A 95 -5.67 -16.52 0.75
C LYS A 95 -4.49 -15.79 0.11
N GLY A 96 -4.77 -14.80 -0.73
CA GLY A 96 -3.72 -14.08 -1.42
C GLY A 96 -4.25 -12.87 -2.16
N ILE A 97 -3.54 -12.47 -3.22
CA ILE A 97 -3.99 -11.41 -4.12
C ILE A 97 -4.28 -12.04 -5.48
N TRP A 98 -5.52 -11.92 -5.93
CA TRP A 98 -5.96 -12.46 -7.20
C TRP A 98 -6.31 -11.31 -8.14
N MET A 99 -6.06 -11.53 -9.44
CA MET A 99 -6.42 -10.53 -10.42
C MET A 99 -7.12 -11.21 -11.58
N TRP A 100 -8.03 -10.49 -12.22
CA TRP A 100 -8.58 -10.93 -13.50
C TRP A 100 -7.53 -10.66 -14.57
N ASN A 101 -7.11 -11.72 -15.29
CA ASN A 101 -5.84 -11.60 -16.00
C ASN A 101 -5.89 -10.64 -17.18
N ARG A 102 -7.08 -10.23 -17.64
CA ARG A 102 -7.15 -9.23 -18.72
C ARG A 102 -7.75 -7.93 -18.19
N PRO A 103 -7.26 -6.79 -18.66
CA PRO A 103 -7.90 -5.51 -18.32
C PRO A 103 -9.10 -5.24 -19.22
N PHE A 104 -9.97 -4.33 -18.75
CA PHE A 104 -11.05 -3.80 -19.57
C PHE A 104 -10.62 -2.44 -20.08
N LEU A 105 -10.68 -2.24 -21.39
CA LEU A 105 -10.21 -1.01 -22.03
C LEU A 105 -11.39 -0.05 -22.17
N LEU A 106 -11.38 1.04 -21.42
CA LEU A 106 -12.45 2.00 -21.44
C LEU A 106 -12.01 3.24 -22.22
N ASN A 107 -12.92 3.79 -23.02
CA ASN A 107 -12.63 4.98 -23.80
C ASN A 107 -12.42 6.19 -22.88
N HIS A 108 -11.53 7.09 -23.30
CA HIS A 108 -11.17 8.29 -22.55
C HIS A 108 -10.21 9.11 -23.40
N LYS A 109 -10.50 10.41 -23.53
CA LYS A 109 -9.80 11.29 -24.47
C LYS A 109 -10.05 10.70 -25.84
N GLY A 110 -9.02 10.38 -26.61
CA GLY A 110 -9.16 9.56 -27.80
C GLY A 110 -8.41 8.26 -27.59
N GLY A 111 -7.99 8.01 -26.34
CA GLY A 111 -7.24 6.82 -26.02
C GLY A 111 -8.03 5.83 -25.20
N LYS A 112 -7.34 4.98 -24.44
CA LYS A 112 -8.00 3.97 -23.62
C LYS A 112 -7.42 3.99 -22.22
N ILE A 113 -8.24 3.54 -21.27
CA ILE A 113 -7.82 3.29 -19.89
C ILE A 113 -7.93 1.80 -19.64
N ALA A 114 -6.85 1.21 -19.15
CA ALA A 114 -6.82 -0.22 -18.85
C ALA A 114 -7.23 -0.41 -17.40
N VAL A 115 -8.38 -1.03 -17.18
CA VAL A 115 -8.89 -1.29 -15.84
C VAL A 115 -8.57 -2.73 -15.47
N PHE A 116 -7.79 -2.91 -14.40
CA PHE A 116 -7.55 -4.24 -13.83
C PHE A 116 -8.36 -4.37 -12.56
N LEU A 117 -8.83 -5.60 -12.32
CA LEU A 117 -9.69 -5.91 -11.20
C LEU A 117 -8.98 -6.84 -10.22
N LEU A 118 -8.81 -6.37 -8.99
CA LEU A 118 -7.96 -7.01 -7.99
C LEU A 118 -8.79 -7.36 -6.77
N ASP A 119 -8.51 -8.52 -6.18
CA ASP A 119 -9.23 -9.00 -5.01
C ASP A 119 -8.20 -9.45 -3.99
N THR A 120 -8.21 -8.83 -2.81
CA THR A 120 -7.33 -9.25 -1.73
C THR A 120 -8.09 -10.19 -0.80
N GLU A 121 -7.77 -11.47 -0.88
CA GLU A 121 -8.29 -12.47 0.02
C GLU A 121 -7.36 -12.60 1.22
N GLY A 122 -7.90 -12.40 2.41
CA GLY A 122 -7.11 -12.49 3.62
C GLY A 122 -8.00 -12.38 4.82
N SER A 123 -7.46 -12.81 5.96
CA SER A 123 -8.13 -12.53 7.21
C SER A 123 -8.11 -11.03 7.47
N LEU A 124 -9.03 -10.59 8.31
CA LEU A 124 -9.00 -9.23 8.81
C LEU A 124 -8.78 -9.16 10.31
N ASP A 125 -9.21 -10.18 11.05
CA ASP A 125 -9.15 -10.17 12.50
C ASP A 125 -8.54 -11.42 13.11
N ILE A 126 -8.23 -12.45 12.33
CA ILE A 126 -7.60 -13.64 12.89
C ILE A 126 -6.16 -13.31 13.26
N GLU A 127 -5.79 -13.61 14.51
CA GLU A 127 -4.46 -13.30 15.03
C GLU A 127 -3.39 -14.24 14.49
N SER A 128 -3.77 -15.37 13.90
CA SER A 128 -2.81 -16.25 13.25
C SER A 128 -2.43 -15.67 11.89
N ASP A 129 -1.13 -15.65 11.61
CA ASP A 129 -0.59 -15.13 10.34
C ASP A 129 -0.96 -13.67 10.14
N ARG A 130 -0.81 -12.86 11.18
CA ARG A 130 -1.20 -11.47 11.03
C ARG A 130 -0.15 -10.66 10.27
N GLU A 131 1.14 -10.88 10.57
CA GLU A 131 2.19 -10.21 9.80
C GLU A 131 2.04 -10.51 8.31
N THR A 132 1.79 -11.76 7.95
CA THR A 132 1.63 -12.10 6.54
C THR A 132 0.36 -11.49 5.96
N CYS A 133 -0.74 -11.54 6.71
CA CYS A 133 -1.96 -10.87 6.29
C CYS A 133 -1.74 -9.38 6.05
N ILE A 134 -1.00 -8.74 6.96
CA ILE A 134 -0.72 -7.32 6.79
C ILE A 134 0.12 -7.10 5.55
N LYS A 135 1.09 -7.98 5.30
CA LYS A 135 1.98 -7.80 4.15
C LYS A 135 1.22 -7.95 2.83
N LEU A 136 0.42 -9.01 2.68
CA LEU A 136 -0.36 -9.17 1.45
C LEU A 136 -1.25 -7.95 1.21
N SER A 137 -1.91 -7.48 2.27
CA SER A 137 -2.86 -6.38 2.08
C SER A 137 -2.13 -5.11 1.73
N ALA A 138 -1.06 -4.81 2.46
CA ALA A 138 -0.26 -3.63 2.15
C ALA A 138 0.14 -3.59 0.70
N LEU A 139 0.54 -4.75 0.16
CA LEU A 139 0.94 -4.81 -1.24
C LEU A 139 -0.21 -4.43 -2.16
N SER A 140 -1.42 -4.98 -1.93
CA SER A 140 -2.57 -4.61 -2.75
C SER A 140 -2.83 -3.12 -2.67
N LEU A 141 -2.93 -2.61 -1.44
CA LEU A 141 -3.19 -1.18 -1.23
C LEU A 141 -2.13 -0.32 -1.91
N PHE A 142 -0.87 -0.76 -1.96
CA PHE A 142 0.18 0.04 -2.58
C PHE A 142 -0.09 0.32 -4.06
N ILE A 143 -0.60 -0.66 -4.80
CA ILE A 143 -0.80 -0.50 -6.23
C ILE A 143 -2.23 -0.12 -6.61
N SER A 144 -3.14 0.05 -5.66
CA SER A 144 -4.53 0.33 -6.03
C SER A 144 -4.77 1.79 -6.34
N SER A 145 -5.60 2.04 -7.35
CA SER A 145 -6.11 3.37 -7.64
C SER A 145 -7.38 3.67 -6.87
N HIS A 146 -8.03 2.64 -6.37
CA HIS A 146 -9.32 2.81 -5.73
C HIS A 146 -9.59 1.56 -4.91
N LEU A 147 -10.05 1.76 -3.69
CA LEU A 147 -10.20 0.67 -2.74
C LEU A 147 -11.69 0.49 -2.44
N ILE A 148 -12.18 -0.73 -2.59
CA ILE A 148 -13.50 -1.09 -2.12
C ILE A 148 -13.32 -1.99 -0.91
N PHE A 149 -13.72 -1.48 0.24
CA PHE A 149 -13.47 -2.12 1.52
C PHE A 149 -14.82 -2.61 2.05
N ASN A 150 -15.02 -3.92 2.05
CA ASN A 150 -16.21 -4.55 2.61
C ASN A 150 -16.07 -4.63 4.13
N VAL A 151 -17.05 -4.12 4.86
CA VAL A 151 -17.07 -4.25 6.30
C VAL A 151 -18.44 -4.76 6.72
N ALA A 152 -18.48 -5.39 7.88
CA ALA A 152 -19.72 -5.84 8.52
C ALA A 152 -19.99 -4.92 9.70
N SER A 153 -20.94 -3.98 9.52
CA SER A 153 -21.33 -3.01 10.53
C SER A 153 -20.22 -2.00 10.82
N ASN A 154 -20.14 -1.52 12.06
CA ASN A 154 -19.30 -0.37 12.37
C ASN A 154 -17.81 -0.71 12.21
N LEU A 155 -17.02 0.33 11.94
CA LEU A 155 -15.61 0.15 11.60
C LEU A 155 -14.83 -0.29 12.83
N LYS A 156 -14.20 -1.45 12.75
CA LYS A 156 -13.37 -1.93 13.84
C LYS A 156 -11.96 -1.37 13.70
N GLU A 157 -11.19 -1.48 14.79
CA GLU A 157 -9.86 -0.87 14.84
C GLU A 157 -8.95 -1.40 13.73
N THR A 158 -8.96 -2.71 13.49
CA THR A 158 -8.08 -3.27 12.47
C THR A 158 -8.45 -2.75 11.07
N GLU A 159 -9.75 -2.60 10.81
CA GLU A 159 -10.15 -2.03 9.53
C GLU A 159 -9.70 -0.59 9.41
N LEU A 160 -9.92 0.21 10.46
CA LEU A 160 -9.49 1.60 10.43
C LEU A 160 -7.97 1.72 10.24
N ASP A 161 -7.21 0.74 10.73
CA ASP A 161 -5.76 0.83 10.60
C ASP A 161 -5.31 0.55 9.17
N TYR A 162 -5.84 -0.51 8.55
CA TYR A 162 -5.69 -0.66 7.10
C TYR A 162 -6.08 0.60 6.35
N MET A 163 -7.17 1.26 6.76
CA MET A 163 -7.61 2.45 6.03
C MET A 163 -6.60 3.58 6.16
N GLU A 164 -6.03 3.74 7.36
CA GLU A 164 -5.01 4.77 7.58
C GLU A 164 -3.75 4.48 6.78
N MET A 165 -3.28 3.23 6.78
CA MET A 165 -2.18 2.87 5.92
C MET A 165 -2.42 3.27 4.48
N TYR A 166 -3.60 2.90 3.94
CA TYR A 166 -3.94 3.25 2.57
C TYR A 166 -3.93 4.75 2.35
N MET A 167 -4.49 5.53 3.28
CA MET A 167 -4.46 6.98 3.16
C MET A 167 -3.02 7.52 3.16
N ASN A 168 -2.10 6.84 3.84
CA ASN A 168 -0.70 7.28 3.89
C ASN A 168 0.07 6.94 2.62
N MET A 169 -0.38 5.94 1.88
CA MET A 169 0.25 5.50 0.65
C MET A 169 0.08 6.48 -0.50
N GLY A 170 -0.80 7.47 -0.36
CA GLY A 170 -0.97 8.46 -1.40
C GLY A 170 -0.04 9.65 -1.26
N GLU A 171 0.41 9.90 -0.03
CA GLU A 171 1.31 11.01 0.25
C GLU A 171 2.69 10.84 -0.39
N GLU A 172 2.97 9.69 -1.01
CA GLU A 172 4.25 9.44 -1.66
C GLU A 172 4.05 8.96 -3.09
N CYS A 173 3.00 9.41 -3.76
CA CYS A 173 2.65 8.96 -5.10
C CYS A 173 2.14 10.12 -5.94
N GLY A 174 2.85 11.24 -5.90
CA GLY A 174 2.46 12.41 -6.64
C GLY A 174 2.04 13.56 -5.74
N PRO A 175 1.95 14.77 -6.31
CA PRO A 175 1.69 15.96 -5.49
C PRO A 175 0.24 16.06 -5.03
N LYS A 176 -0.69 16.20 -5.98
CA LYS A 176 -2.12 16.28 -5.68
C LYS A 176 -2.79 14.91 -5.72
N ASN A 177 -2.11 13.87 -5.27
CA ASN A 177 -2.69 12.53 -5.25
C ASN A 177 -3.60 12.38 -4.05
N LEU A 178 -4.84 11.97 -4.30
CA LEU A 178 -5.75 11.67 -3.20
C LEU A 178 -6.09 10.19 -3.24
N GLN A 179 -6.23 9.58 -2.06
CA GLN A 179 -6.54 8.17 -1.94
C GLN A 179 -8.06 7.99 -1.83
N HIS A 180 -8.64 7.28 -2.80
CA HIS A 180 -10.09 7.09 -2.88
C HIS A 180 -10.48 5.74 -2.29
N LEU A 181 -11.40 5.76 -1.34
CA LEU A 181 -11.83 4.57 -0.62
C LEU A 181 -13.35 4.56 -0.56
N ASP A 182 -13.97 3.43 -0.88
CA ASP A 182 -15.40 3.21 -0.67
C ASP A 182 -15.60 2.14 0.38
N ILE A 183 -16.51 2.39 1.32
CA ILE A 183 -16.78 1.43 2.39
C ILE A 183 -18.15 0.80 2.11
N LEU A 184 -18.18 -0.52 1.93
CA LEU A 184 -19.41 -1.27 1.70
C LEU A 184 -19.76 -1.94 3.03
N VAL A 185 -20.75 -1.39 3.73
CA VAL A 185 -21.19 -1.92 5.01
C VAL A 185 -22.28 -2.96 4.73
N ARG A 186 -21.98 -4.23 5.00
CA ARG A 186 -22.84 -5.31 4.56
C ARG A 186 -23.96 -5.64 5.53
N ASP A 187 -23.80 -5.29 6.82
CA ASP A 187 -24.67 -5.78 7.88
C ASP A 187 -24.77 -4.69 8.94
N TRP A 188 -25.34 -3.54 8.59
CA TRP A 188 -25.42 -2.46 9.56
C TRP A 188 -26.54 -2.70 10.57
N TYR A 189 -27.73 -3.10 10.10
CA TYR A 189 -28.87 -3.43 10.95
C TYR A 189 -29.90 -4.26 10.18
N VAL A 198 -29.92 6.09 6.40
CA VAL A 198 -29.22 5.60 7.57
C VAL A 198 -27.71 5.66 7.31
N ALA A 199 -27.32 5.71 6.03
CA ALA A 199 -25.93 5.97 5.69
C ALA A 199 -25.48 7.34 6.19
N ARG A 200 -26.42 8.25 6.42
CA ARG A 200 -26.14 9.54 7.04
C ARG A 200 -25.73 9.37 8.50
N SER A 201 -26.58 8.69 9.29
CA SER A 201 -26.24 8.43 10.69
C SER A 201 -24.98 7.58 10.82
N TYR A 202 -24.74 6.66 9.88
CA TYR A 202 -23.54 5.83 9.95
C TYR A 202 -22.28 6.67 9.89
N ILE A 203 -22.13 7.46 8.83
CA ILE A 203 -20.91 8.24 8.66
C ILE A 203 -20.78 9.25 9.80
N SER A 204 -21.87 9.92 10.17
CA SER A 204 -21.84 10.87 11.27
C SER A 204 -21.42 10.18 12.56
N ARG A 205 -21.89 8.95 12.77
CA ARG A 205 -21.48 8.20 13.96
C ARG A 205 -19.98 7.94 13.96
N GLU A 206 -19.44 7.43 12.86
CA GLU A 206 -18.02 7.11 12.80
C GLU A 206 -17.15 8.35 12.92
N ILE A 207 -17.56 9.46 12.29
CA ILE A 207 -16.83 10.71 12.45
C ILE A 207 -16.73 11.09 13.92
N GLU A 208 -17.82 10.87 14.68
CA GLU A 208 -17.81 11.19 16.10
C GLU A 208 -16.84 10.31 16.87
N LYS A 209 -16.88 8.99 16.65
CA LYS A 209 -15.96 8.08 17.34
C LYS A 209 -14.51 8.44 17.03
N LEU A 210 -14.20 8.73 15.76
CA LEU A 210 -12.83 9.07 15.40
C LEU A 210 -12.41 10.40 16.00
N GLU A 211 -13.35 11.35 16.15
CA GLU A 211 -13.00 12.65 16.71
C GLU A 211 -12.59 12.52 18.17
N LYS A 212 -13.24 11.63 18.92
CA LYS A 212 -12.84 11.42 20.32
C LYS A 212 -11.55 10.61 20.41
N LEU A 213 -11.42 9.57 19.58
CA LEU A 213 -10.24 8.73 19.67
C LEU A 213 -8.96 9.48 19.34
N ASN A 214 -9.06 10.52 18.51
CA ASN A 214 -7.91 11.35 18.11
C ASN A 214 -6.88 10.55 17.31
N SER A 215 -7.16 9.28 17.02
CA SER A 215 -6.31 8.49 16.13
C SER A 215 -6.95 8.46 14.74
N TYR A 216 -6.19 7.91 13.79
CA TYR A 216 -6.66 7.79 12.42
C TYR A 216 -7.02 9.16 11.85
N PRO A 217 -6.08 10.11 11.82
CA PRO A 217 -6.43 11.47 11.36
C PRO A 217 -6.72 11.55 9.86
N LYS A 218 -6.09 10.72 9.03
CA LYS A 218 -6.33 10.85 7.59
C LYS A 218 -7.67 10.24 7.17
N VAL A 219 -8.11 9.15 7.83
CA VAL A 219 -9.45 8.63 7.58
C VAL A 219 -10.49 9.63 8.05
N LEU A 220 -10.30 10.21 9.24
CA LEU A 220 -11.22 11.25 9.71
C LEU A 220 -11.33 12.37 8.68
N TRP A 221 -10.18 12.93 8.27
CA TRP A 221 -10.19 13.96 7.23
C TRP A 221 -10.86 13.47 5.96
N SER A 222 -10.64 12.21 5.61
CA SER A 222 -11.21 11.64 4.40
C SER A 222 -12.72 11.51 4.51
N LEU A 223 -13.22 11.12 5.68
CA LEU A 223 -14.65 11.01 5.89
C LEU A 223 -15.31 12.38 5.82
N LYS A 224 -14.64 13.40 6.36
CA LYS A 224 -15.23 14.73 6.39
C LYS A 224 -15.16 15.41 5.03
N SER A 225 -14.24 15.00 4.16
CA SER A 225 -14.09 15.62 2.85
C SER A 225 -14.78 14.84 1.73
N ASN A 226 -15.51 13.76 2.07
CA ASN A 226 -16.25 12.89 1.16
C ASN A 226 -15.35 12.14 0.18
N GLN A 227 -14.04 12.10 0.44
CA GLN A 227 -13.13 11.26 -0.33
C GLN A 227 -13.31 9.80 0.04
N THR A 228 -13.76 9.54 1.25
CA THR A 228 -14.20 8.21 1.64
C THR A 228 -15.72 8.26 1.68
N ARG A 229 -16.35 7.43 0.86
CA ARG A 229 -17.79 7.30 0.83
C ARG A 229 -18.18 5.99 1.52
N CYS A 230 -19.35 6.00 2.15
CA CYS A 230 -19.92 4.83 2.78
C CYS A 230 -21.22 4.49 2.06
N PHE A 231 -21.40 3.21 1.74
CA PHE A 231 -22.61 2.72 1.11
C PHE A 231 -23.16 1.58 1.96
N LEU A 232 -24.43 1.70 2.36
CA LEU A 232 -25.04 0.70 3.22
C LEU A 232 -25.90 -0.23 2.39
N LEU A 233 -25.59 -1.50 2.45
CA LEU A 233 -26.27 -2.49 1.64
C LEU A 233 -27.32 -3.22 2.46
N PRO A 234 -28.58 -3.23 2.02
CA PRO A 234 -29.57 -4.10 2.66
C PRO A 234 -29.17 -5.56 2.51
N HIS A 235 -29.63 -6.38 3.44
CA HIS A 235 -29.26 -7.80 3.49
C HIS A 235 -29.75 -8.57 2.26
N MET A 251 -35.92 -8.86 -0.37
CA MET A 251 -34.58 -8.75 0.19
C MET A 251 -33.51 -8.90 -0.90
N ASP A 252 -33.70 -9.90 -1.76
CA ASP A 252 -32.81 -10.09 -2.90
C ASP A 252 -32.81 -8.86 -3.80
N GLU A 253 -34.00 -8.40 -4.21
CA GLU A 253 -34.07 -7.29 -5.15
C GLU A 253 -33.55 -5.99 -4.54
N ASP A 254 -33.74 -5.77 -3.24
CA ASP A 254 -33.24 -4.53 -2.64
C ASP A 254 -31.73 -4.55 -2.59
N PHE A 255 -31.14 -5.71 -2.26
CA PHE A 255 -29.69 -5.87 -2.34
C PHE A 255 -29.20 -5.76 -3.77
N GLN A 256 -29.88 -6.46 -4.71
CA GLN A 256 -29.46 -6.42 -6.11
C GLN A 256 -29.39 -4.99 -6.63
N GLU A 257 -30.47 -4.22 -6.41
CA GLU A 257 -30.52 -2.85 -6.93
C GLU A 257 -29.50 -1.95 -6.26
N SER A 258 -29.23 -2.17 -4.97
CA SER A 258 -28.26 -1.34 -4.26
C SER A 258 -26.85 -1.62 -4.76
N LEU A 259 -26.52 -2.89 -4.96
CA LEU A 259 -25.26 -3.26 -5.58
C LEU A 259 -25.13 -2.66 -6.98
N ARG A 260 -26.21 -2.74 -7.77
CA ARG A 260 -26.16 -2.22 -9.13
C ARG A 260 -25.95 -0.72 -9.13
N SER A 261 -26.73 -0.02 -8.30
CA SER A 261 -26.52 1.42 -8.12
C SER A 261 -25.08 1.73 -7.72
N TYR A 262 -24.52 1.01 -6.76
CA TYR A 262 -23.16 1.31 -6.32
C TYR A 262 -22.15 1.03 -7.43
N VAL A 263 -22.27 -0.14 -8.06
CA VAL A 263 -21.31 -0.52 -9.11
C VAL A 263 -21.36 0.47 -10.27
N SER A 264 -22.57 0.91 -10.65
CA SER A 264 -22.67 1.92 -11.71
C SER A 264 -21.93 3.19 -11.31
N LYS A 265 -21.96 3.53 -10.02
CA LYS A 265 -21.40 4.81 -9.58
C LYS A 265 -19.88 4.80 -9.65
N VAL A 266 -19.25 3.66 -9.37
CA VAL A 266 -17.79 3.62 -9.33
C VAL A 266 -17.19 3.34 -10.71
N VAL A 267 -17.89 2.62 -11.58
CA VAL A 267 -17.33 2.47 -12.92
C VAL A 267 -17.45 3.79 -13.68
N LYS A 268 -18.45 4.61 -13.34
CA LYS A 268 -18.63 5.87 -14.04
C LYS A 268 -17.61 6.92 -13.63
N GLY A 269 -17.06 6.81 -12.43
CA GLY A 269 -16.05 7.76 -12.00
C GLY A 269 -14.63 7.30 -12.22
N ILE A 270 -14.41 6.26 -13.02
CA ILE A 270 -13.08 5.68 -13.16
C ILE A 270 -12.17 6.61 -13.97
N CYS A 271 -12.69 7.09 -15.10
CA CYS A 271 -11.89 7.79 -16.08
C CYS A 271 -11.36 9.13 -15.59
N THR A 272 -11.87 9.63 -14.47
CA THR A 272 -11.46 10.92 -13.93
C THR A 272 -10.58 10.81 -12.69
N HIS A 273 -10.25 9.59 -12.27
CA HIS A 273 -9.38 9.35 -11.12
C HIS A 273 -8.13 8.58 -11.52
N ILE A 274 -7.54 8.93 -12.67
CA ILE A 274 -6.28 8.32 -13.07
C ILE A 274 -5.17 8.84 -12.17
N LYS A 275 -4.42 7.91 -11.57
CA LYS A 275 -3.27 8.30 -10.76
C LYS A 275 -2.13 8.77 -11.65
N THR A 276 -1.34 9.71 -11.12
CA THR A 276 -0.08 10.11 -11.71
C THR A 276 1.05 9.67 -10.81
N ASN A 277 2.19 9.32 -11.41
CA ASN A 277 3.31 8.85 -10.62
C ASN A 277 4.15 10.04 -10.17
N ILE A 278 5.28 9.74 -9.51
CA ILE A 278 6.13 10.80 -8.97
C ILE A 278 6.61 11.72 -10.09
N ASP A 279 6.86 11.15 -11.27
CA ASP A 279 7.41 11.93 -12.38
C ASP A 279 6.39 12.88 -12.98
N GLY A 280 5.10 12.59 -12.85
CA GLY A 280 4.06 13.35 -13.52
C GLY A 280 3.44 12.67 -14.71
N GLU A 281 3.93 11.51 -15.12
CA GLU A 281 3.25 10.73 -16.14
C GLU A 281 2.09 9.96 -15.52
N LEU A 282 1.00 9.84 -16.27
CA LEU A 282 -0.11 9.02 -15.83
C LEU A 282 0.37 7.59 -15.62
N LEU A 283 -0.11 6.99 -14.53
CA LEU A 283 0.23 5.61 -14.22
C LEU A 283 -0.18 4.70 -15.37
N THR A 284 0.71 3.77 -15.73
CA THR A 284 0.44 2.75 -16.74
C THR A 284 0.66 1.38 -16.12
N SER A 285 0.21 0.33 -16.81
CA SER A 285 0.40 -1.00 -16.27
C SER A 285 1.87 -1.42 -16.25
N ALA A 286 2.72 -0.87 -17.13
CA ALA A 286 4.16 -1.08 -17.01
C ALA A 286 4.66 -0.61 -15.65
N HIS A 287 4.31 0.63 -15.27
CA HIS A 287 4.68 1.14 -13.96
C HIS A 287 4.18 0.23 -12.84
N VAL A 288 2.96 -0.30 -12.97
CA VAL A 288 2.39 -1.11 -11.88
C VAL A 288 3.18 -2.41 -11.73
N PHE A 289 3.56 -3.03 -12.84
CA PHE A 289 4.45 -4.18 -12.79
C PHE A 289 5.74 -3.86 -12.03
N SER A 290 6.30 -2.67 -12.26
CA SER A 290 7.54 -2.34 -11.55
C SER A 290 7.26 -2.12 -10.06
N MET A 291 6.23 -1.33 -9.74
CA MET A 291 5.87 -1.12 -8.33
C MET A 291 5.65 -2.44 -7.60
N LEU A 292 4.96 -3.39 -8.25
CA LEU A 292 4.66 -4.67 -7.61
C LEU A 292 5.93 -5.40 -7.22
N GLN A 293 6.88 -5.52 -8.16
CA GLN A 293 8.18 -6.13 -7.87
C GLN A 293 8.89 -5.41 -6.72
N GLU A 294 8.96 -4.08 -6.77
CA GLU A 294 9.83 -3.38 -5.81
C GLU A 294 9.23 -3.41 -4.42
N PHE A 295 7.92 -3.22 -4.29
CA PHE A 295 7.32 -3.19 -2.96
C PHE A 295 7.25 -4.59 -2.36
N THR A 296 7.18 -5.62 -3.21
CA THR A 296 7.30 -6.99 -2.70
C THR A 296 8.64 -7.20 -2.01
N GLU A 297 9.73 -6.71 -2.63
CA GLU A 297 11.06 -6.80 -2.03
C GLU A 297 11.14 -5.97 -0.75
N VAL A 298 10.57 -4.76 -0.75
CA VAL A 298 10.58 -3.93 0.45
C VAL A 298 9.88 -4.64 1.60
N LEU A 299 8.74 -5.29 1.32
CA LEU A 299 7.99 -5.96 2.37
C LEU A 299 8.75 -7.18 2.88
N ASN A 300 9.41 -7.93 2.00
CA ASN A 300 10.13 -9.09 2.45
C ASN A 300 11.40 -8.71 3.22
N LEU A 301 11.87 -7.49 3.05
CA LEU A 301 13.05 -7.02 3.78
C LEU A 301 12.69 -6.33 5.09
N GLN A 302 11.40 -6.08 5.34
CA GLN A 302 10.95 -5.47 6.59
C GLN A 302 10.95 -6.56 7.66
N ILE A 303 12.07 -6.67 8.37
CA ILE A 303 12.32 -7.80 9.27
C ILE A 303 12.07 -7.45 10.73
N TYR A 304 11.54 -6.26 11.02
CA TYR A 304 11.27 -5.90 12.40
C TYR A 304 9.81 -6.19 12.77
N GLY A 305 9.60 -6.47 14.05
CA GLY A 305 8.26 -6.81 14.50
C GLY A 305 7.30 -5.66 14.30
N PHE A 306 6.02 -6.02 14.18
CA PHE A 306 4.95 -5.06 13.99
C PHE A 306 3.65 -5.82 14.24
N SER A 307 2.69 -5.14 14.86
CA SER A 307 1.41 -5.78 15.13
C SER A 307 0.23 -5.17 14.38
N SER A 308 0.44 -4.12 13.59
CA SER A 308 -0.63 -3.39 12.93
C SER A 308 -0.10 -2.86 11.61
N PRO A 309 -1.00 -2.62 10.64
CA PRO A 309 -0.56 -2.06 9.35
C PRO A 309 0.20 -0.76 9.46
N MET A 310 -0.27 0.17 10.31
CA MET A 310 0.45 1.43 10.45
C MET A 310 1.85 1.20 11.02
N GLU A 311 1.97 0.21 11.92
CA GLU A 311 3.30 -0.12 12.45
C GLU A 311 4.19 -0.71 11.36
N MET A 312 3.62 -1.52 10.45
CA MET A 312 4.42 -2.00 9.33
C MET A 312 4.85 -0.85 8.42
N PHE A 313 3.95 0.10 8.18
CA PHE A 313 4.25 1.26 7.37
C PHE A 313 5.36 2.11 7.99
N TYR A 314 5.26 2.38 9.30
CA TYR A 314 6.30 3.17 9.95
C TYR A 314 7.61 2.40 10.02
N ALA A 315 7.54 1.07 10.15
CA ALA A 315 8.77 0.25 10.16
C ALA A 315 9.51 0.36 8.84
N ILE A 316 8.76 0.44 7.74
CA ILE A 316 9.37 0.58 6.42
C ILE A 316 10.08 1.92 6.29
N LYS A 317 9.44 3.00 6.75
CA LYS A 317 10.09 4.30 6.70
C LYS A 317 11.31 4.35 7.63
N ASN A 318 11.22 3.66 8.76
CA ASN A 318 12.32 3.72 9.74
C ASN A 318 13.54 2.95 9.25
N GLN A 319 13.32 1.80 8.60
CA GLN A 319 14.41 1.10 7.93
C GLN A 319 15.06 1.97 6.87
N LYS A 320 14.25 2.66 6.07
CA LYS A 320 14.81 3.59 5.09
C LYS A 320 15.71 4.60 5.80
N LEU A 321 15.22 5.17 6.89
CA LEU A 321 15.99 6.17 7.63
C LEU A 321 17.32 5.59 8.12
N MET A 322 17.30 4.34 8.58
CA MET A 322 18.53 3.65 8.98
C MET A 322 19.57 3.70 7.86
N GLY A 323 19.15 3.37 6.64
CA GLY A 323 20.06 3.36 5.51
C GLY A 323 20.54 4.76 5.13
N GLU A 324 19.65 5.76 5.26
CA GLU A 324 20.12 7.14 5.07
C GLU A 324 21.16 7.55 6.14
N ILE A 325 21.10 6.97 7.34
CA ILE A 325 22.09 7.30 8.38
C ILE A 325 23.41 6.61 8.07
N GLU A 326 23.37 5.30 7.83
CA GLU A 326 24.60 4.58 7.51
C GLU A 326 25.31 5.19 6.31
N ASN A 327 24.57 5.48 5.23
CA ASN A 327 25.18 6.16 4.08
C ASN A 327 25.78 7.50 4.48
N GLU A 328 25.09 8.23 5.36
CA GLU A 328 25.61 9.53 5.79
C GLU A 328 26.92 9.38 6.57
N PHE A 329 27.06 8.28 7.32
CA PHE A 329 28.30 8.00 8.02
C PHE A 329 29.42 7.63 7.05
N GLN A 330 29.09 6.81 6.03
CA GLN A 330 30.09 6.42 5.03
C GLN A 330 30.60 7.64 4.28
N ASP A 331 29.69 8.55 3.89
CA ASP A 331 30.09 9.77 3.22
C ASP A 331 31.01 10.59 4.11
N PHE A 332 30.62 10.80 5.36
CA PHE A 332 31.42 11.59 6.31
C PHE A 332 32.85 11.05 6.39
N LEU A 333 32.98 9.72 6.53
CA LEU A 333 34.29 9.10 6.61
C LEU A 333 35.09 9.25 5.31
N LYS A 334 34.40 9.19 4.16
CA LYS A 334 35.11 9.33 2.89
C LYS A 334 35.70 10.73 2.74
N ASN A 335 35.00 11.74 3.26
CA ASN A 335 35.49 13.12 3.15
C ASN A 335 36.57 13.47 4.18
N GLN A 336 36.97 12.55 5.06
CA GLN A 336 37.99 12.90 6.05
C GLN A 336 39.38 12.73 5.46
N SER A 337 40.25 13.67 5.77
CA SER A 337 41.56 13.64 5.16
C SER A 337 42.42 12.55 5.80
N SER A 338 43.34 12.00 5.00
CA SER A 338 44.34 11.09 5.55
C SER A 338 45.42 11.84 6.36
N LEU A 339 45.47 13.18 6.26
CA LEU A 339 46.42 14.00 7.00
C LEU A 339 45.95 14.38 8.40
N THR A 340 44.71 14.05 8.76
CA THR A 340 44.17 14.48 10.04
C THR A 340 44.94 13.84 11.18
N LEU A 341 45.14 14.62 12.26
CA LEU A 341 45.82 14.07 13.46
C LEU A 341 45.02 12.90 14.01
N PRO A 342 45.61 11.70 14.12
CA PRO A 342 44.86 10.51 14.53
C PRO A 342 43.98 10.74 15.77
N PRO A 343 44.45 11.45 16.82
CA PRO A 343 43.59 11.75 17.97
C PRO A 343 42.36 12.58 17.59
N THR A 344 42.58 13.65 16.82
CA THR A 344 41.45 14.54 16.43
C THR A 344 40.47 13.73 15.57
N MET A 345 40.98 12.80 14.76
CA MET A 345 40.13 11.95 13.90
C MET A 345 39.24 11.08 14.79
N ARG A 346 39.83 10.45 15.80
CA ARG A 346 39.07 9.53 16.67
C ARG A 346 37.92 10.31 17.32
N VAL A 347 38.17 11.50 17.83
CA VAL A 347 37.12 12.28 18.53
C VAL A 347 36.02 12.69 17.53
N LYS A 348 36.40 13.18 16.36
CA LYS A 348 35.41 13.67 15.37
C LYS A 348 34.51 12.52 14.92
N VAL A 349 35.10 11.35 14.70
CA VAL A 349 34.32 10.16 14.25
C VAL A 349 33.37 9.75 15.38
N SER A 350 33.86 9.78 16.63
CA SER A 350 33.01 9.42 17.79
C SER A 350 31.86 10.40 17.92
N GLN A 351 32.13 11.70 17.81
CA GLN A 351 31.02 12.62 18.01
C GLN A 351 30.00 12.49 16.88
N LYS A 352 30.48 12.39 15.65
CA LYS A 352 29.60 12.18 14.51
C LYS A 352 28.79 10.90 14.69
N PHE A 353 29.43 9.84 15.17
CA PHE A 353 28.74 8.59 15.46
C PHE A 353 27.56 8.83 16.41
N SER A 354 27.82 9.54 17.51
CA SER A 354 26.78 9.84 18.50
C SER A 354 25.68 10.71 17.92
N GLU A 355 26.07 11.75 17.18
CA GLU A 355 25.10 12.64 16.55
C GLU A 355 24.15 11.89 15.62
N LEU A 356 24.65 10.83 14.95
CA LEU A 356 23.83 10.08 14.03
C LEU A 356 22.84 9.18 14.75
N LEU A 357 23.21 8.67 15.93
CA LEU A 357 22.26 7.91 16.74
C LEU A 357 21.17 8.81 17.28
N GLU A 358 21.54 10.02 17.71
CA GLU A 358 20.54 11.02 18.06
C GLU A 358 19.61 11.31 16.88
N LYS A 359 20.17 11.47 15.68
CA LYS A 359 19.36 11.78 14.51
C LYS A 359 18.39 10.66 14.18
N PHE A 360 18.77 9.40 14.43
CA PHE A 360 17.82 8.33 14.21
C PHE A 360 16.65 8.44 15.17
N MET A 361 16.91 8.77 16.44
CA MET A 361 15.81 8.87 17.38
C MET A 361 14.97 10.13 17.18
N GLN A 362 15.54 11.18 16.60
CA GLN A 362 14.74 12.38 16.38
C GLN A 362 13.77 12.23 15.20
N PHE A 363 14.20 11.54 14.14
CA PHE A 363 13.39 11.37 12.94
C PHE A 363 12.66 10.03 12.88
N VAL A 364 12.81 9.17 13.89
CA VAL A 364 12.13 7.88 13.86
C VAL A 364 10.63 8.10 13.93
N GLN A 365 9.87 7.34 13.16
CA GLN A 365 8.43 7.53 13.04
C GLN A 365 7.63 6.43 13.73
N GLY A 366 6.45 6.79 14.21
CA GLY A 366 5.59 5.83 14.87
C GLY A 366 5.83 5.84 16.36
N SER A 367 5.12 4.95 17.05
CA SER A 367 5.22 4.93 18.51
C SER A 367 5.65 3.59 19.09
N ASN A 368 5.99 2.60 18.28
CA ASN A 368 6.41 1.31 18.82
C ASN A 368 7.86 1.40 19.25
N THR A 369 8.08 1.74 20.53
CA THR A 369 9.44 1.93 21.04
C THR A 369 10.25 0.64 21.02
N SER A 370 9.62 -0.52 21.24
CA SER A 370 10.36 -1.77 21.20
C SER A 370 11.02 -1.95 19.84
N SER A 371 10.31 -1.57 18.77
CA SER A 371 10.84 -1.64 17.42
C SER A 371 11.92 -0.60 17.19
N HIS A 372 11.73 0.64 17.66
CA HIS A 372 12.79 1.62 17.53
C HIS A 372 14.06 1.15 18.25
N ASP A 373 13.91 0.47 19.40
CA ASP A 373 15.07 0.00 20.14
C ASP A 373 15.85 -1.05 19.34
N ALA A 374 15.14 -2.05 18.80
CA ALA A 374 15.77 -3.05 17.93
C ALA A 374 16.49 -2.39 16.74
N MET A 375 15.92 -1.34 16.17
CA MET A 375 16.54 -0.74 14.96
C MET A 375 17.79 0.07 15.34
N LEU A 376 17.73 0.84 16.43
CA LEU A 376 18.89 1.64 16.89
C LEU A 376 20.06 0.70 17.21
N LYS A 377 19.77 -0.42 17.87
CA LYS A 377 20.82 -1.42 18.20
C LYS A 377 21.46 -1.93 16.91
N ASP A 378 20.65 -2.24 15.92
CA ASP A 378 21.20 -2.72 14.64
C ASP A 378 21.94 -1.58 13.94
N LEU A 379 21.42 -0.36 14.03
CA LEU A 379 22.12 0.80 13.43
C LEU A 379 23.46 0.93 14.12
N GLU A 380 23.47 0.79 15.44
CA GLU A 380 24.74 0.94 16.15
C GLU A 380 25.75 -0.11 15.71
N VAL A 381 25.31 -1.36 15.50
CA VAL A 381 26.22 -2.41 15.05
C VAL A 381 26.75 -2.11 13.66
N ARG A 382 25.89 -1.54 12.80
CA ARG A 382 26.33 -1.24 11.44
C ARG A 382 27.29 -0.07 11.42
N LEU A 383 26.98 1.01 12.15
CA LEU A 383 27.88 2.15 12.21
C LEU A 383 29.24 1.76 12.77
N LEU A 384 29.27 0.82 13.72
CA LEU A 384 30.56 0.42 14.30
C LEU A 384 31.39 -0.40 13.32
N GLU A 385 30.73 -1.09 12.37
CA GLU A 385 31.45 -1.82 11.32
C GLU A 385 32.11 -0.84 10.35
N ILE A 386 31.35 0.16 9.90
CA ILE A 386 31.90 1.23 9.07
C ILE A 386 33.04 1.92 9.81
N GLN A 387 32.85 2.20 11.10
CA GLN A 387 33.91 2.85 11.89
C GLN A 387 35.15 1.97 11.99
N GLU A 388 34.95 0.70 12.33
CA GLU A 388 36.08 -0.21 12.45
C GLU A 388 36.86 -0.35 11.14
N LYS A 389 36.14 -0.38 10.00
CA LYS A 389 36.85 -0.49 8.72
C LYS A 389 37.67 0.76 8.43
N PHE A 390 37.05 1.94 8.55
CA PHE A 390 37.76 3.19 8.32
C PHE A 390 38.93 3.34 9.28
N CYS A 391 38.69 3.11 10.58
CA CYS A 391 39.72 3.33 11.59
C CYS A 391 40.85 2.33 11.44
N ASN A 392 40.53 1.04 11.32
CA ASN A 392 41.58 0.03 11.19
C ASN A 392 42.41 0.25 9.94
N ASP A 393 41.77 0.61 8.82
CA ASP A 393 42.52 1.01 7.63
C ASP A 393 43.44 2.19 7.94
N PHE A 394 42.90 3.20 8.63
CA PHE A 394 43.61 4.46 8.83
C PHE A 394 44.84 4.27 9.70
N THR A 395 44.70 3.52 10.81
CA THR A 395 45.82 3.33 11.74
C THR A 395 46.98 2.57 11.10
N THR A 396 46.67 1.45 10.44
CA THR A 396 47.72 0.64 9.82
C THR A 396 48.31 1.32 8.57
N ARG A 397 47.49 2.05 7.82
CA ARG A 397 47.99 2.72 6.61
C ARG A 397 48.83 3.96 6.95
N PHE A 398 48.40 4.73 7.94
CA PHE A 398 49.07 5.99 8.29
C PHE A 398 49.53 5.99 9.74
#